data_7EX9
#
_entry.id   7EX9
#
_cell.length_a   40.855
_cell.length_b   70.763
_cell.length_c   70.923
_cell.angle_alpha   90.000
_cell.angle_beta   90.000
_cell.angle_gamma   90.000
#
_symmetry.space_group_name_H-M   'P 21 21 21'
#
loop_
_entity.id
_entity.type
_entity.pdbx_description
1 polymer Replicase
2 non-polymer 'MANGANESE (II) ION'
3 non-polymer 'methyl (Z)-4-(1-(3-chlorobenzyl)-4-ethylpiperidin-4-yl)-2-hydroxy-4-oxobut-2-enoate'
4 non-polymer 'CHLORIDE ION'
5 water water
#
_entity_poly.entity_id   1
_entity_poly.type   'polypeptide(L)'
_entity_poly.pdbx_seq_one_letter_code
;MGSSHHHHHHSSGLVPRGSHMASMTGGQQMGRGSEFMEDPMYEQFLQRIQAVRTATVAKDISADILEARHDYFGRELCRA
LDIEYRNNVLLDEIILDVYPGVNLMEYNVPHVTPDNYIWTGDMLLILDYKVSVGHDSTEVTYKKYTTLILPVMQEIGINT
EICIIRANPVTNQISIVGEQFKRLFPTIPVELNFARFFELRKMLLDKFADDEEFLMMIA
;
_entity_poly.pdbx_strand_id   A
#
# COMPACT_ATOMS: atom_id res chain seq x y z
N ASP A 39 -19.80 -7.63 -8.78
CA ASP A 39 -18.67 -6.92 -8.16
C ASP A 39 -19.19 -5.59 -7.61
N PRO A 40 -19.50 -5.54 -6.31
CA PRO A 40 -20.06 -4.31 -5.73
C PRO A 40 -19.13 -3.11 -5.84
N MET A 41 -17.83 -3.35 -5.70
CA MET A 41 -16.85 -2.27 -5.84
C MET A 41 -16.87 -1.70 -7.25
N TYR A 42 -16.81 -2.57 -8.25
CA TYR A 42 -16.87 -2.11 -9.64
C TYR A 42 -18.13 -1.32 -9.90
N GLU A 43 -19.28 -1.86 -9.46
CA GLU A 43 -20.55 -1.21 -9.74
C GLU A 43 -20.63 0.16 -9.08
N GLN A 44 -20.08 0.30 -7.87
CA GLN A 44 -20.14 1.60 -7.21
C GLN A 44 -19.26 2.63 -7.94
N PHE A 45 -18.07 2.22 -8.38
CA PHE A 45 -17.26 3.12 -9.19
C PHE A 45 -17.97 3.48 -10.49
N LEU A 46 -18.55 2.49 -11.16
CA LEU A 46 -19.24 2.76 -12.41
C LEU A 46 -20.37 3.78 -12.22
N GLN A 47 -21.17 3.62 -11.16
CA GLN A 47 -22.23 4.58 -10.85
C GLN A 47 -21.65 5.98 -10.70
N ARG A 48 -20.52 6.11 -9.99
CA ARG A 48 -19.93 7.43 -9.78
C ARG A 48 -19.44 8.04 -11.09
N ILE A 49 -18.85 7.23 -11.98
CA ILE A 49 -18.36 7.74 -13.26
C ILE A 49 -19.52 8.12 -14.18
N GLN A 50 -20.59 7.33 -14.15
CA GLN A 50 -21.78 7.69 -14.94
C GLN A 50 -22.33 9.05 -14.52
N ALA A 51 -22.25 9.37 -13.23
CA ALA A 51 -22.89 10.56 -12.69
C ALA A 51 -22.00 11.81 -12.65
N VAL A 52 -20.67 11.66 -12.65
CA VAL A 52 -19.79 12.80 -12.37
C VAL A 52 -19.86 13.84 -13.47
N ARG A 53 -19.83 15.12 -13.08
CA ARG A 53 -19.90 16.25 -14.01
C ARG A 53 -18.71 17.21 -13.93
N THR A 54 -17.95 17.19 -12.83
CA THR A 54 -16.93 18.20 -12.58
C THR A 54 -15.56 17.55 -12.41
N ALA A 55 -14.54 18.31 -12.79
CA ALA A 55 -13.16 17.84 -12.70
C ALA A 55 -12.78 17.49 -11.26
N THR A 56 -13.19 18.31 -10.29
CA THR A 56 -12.77 18.05 -8.92
C THR A 56 -13.36 16.73 -8.40
N VAL A 57 -14.61 16.43 -8.72
CA VAL A 57 -15.19 15.17 -8.26
C VAL A 57 -14.57 14.01 -9.04
N ALA A 58 -14.27 14.23 -10.33
CA ALA A 58 -13.60 13.20 -11.13
C ALA A 58 -12.22 12.87 -10.57
N LYS A 59 -11.47 13.90 -10.14
CA LYS A 59 -10.16 13.67 -9.53
C LYS A 59 -10.27 12.74 -8.32
N ASP A 60 -11.31 12.91 -7.52
CA ASP A 60 -11.51 12.06 -6.35
C ASP A 60 -11.86 10.63 -6.75
N ILE A 61 -12.64 10.45 -7.82
CA ILE A 61 -12.90 9.09 -8.29
C ILE A 61 -11.59 8.45 -8.72
N SER A 62 -10.78 9.18 -9.48
CA SER A 62 -9.51 8.64 -9.96
C SER A 62 -8.65 8.18 -8.79
N ALA A 63 -8.50 9.05 -7.79
CA ALA A 63 -7.70 8.69 -6.62
C ALA A 63 -8.29 7.49 -5.91
N ASP A 64 -9.62 7.42 -5.83
CA ASP A 64 -10.27 6.31 -5.14
C ASP A 64 -10.04 4.99 -5.87
N ILE A 65 -10.06 5.01 -7.21
CA ILE A 65 -9.77 3.79 -7.95
C ILE A 65 -8.34 3.33 -7.71
N LEU A 66 -7.40 4.27 -7.67
CA LEU A 66 -6.01 3.87 -7.44
C LEU A 66 -5.83 3.35 -6.02
N GLU A 67 -6.58 3.89 -5.05
CA GLU A 67 -6.50 3.35 -3.70
C GLU A 67 -7.09 1.94 -3.65
N ALA A 68 -8.22 1.73 -4.32
CA ALA A 68 -8.86 0.41 -4.32
C ALA A 68 -7.99 -0.64 -4.99
N ARG A 69 -7.27 -0.25 -6.04
CA ARG A 69 -6.36 -1.17 -6.71
C ARG A 69 -5.20 -1.55 -5.81
N HIS A 70 -4.71 -0.58 -5.05
CA HIS A 70 -3.68 -0.86 -4.06
C HIS A 70 -4.20 -1.80 -2.98
N ASP A 71 -5.42 -1.56 -2.48
CA ASP A 71 -5.94 -2.38 -1.39
C ASP A 71 -6.25 -3.79 -1.89
N TYR A 72 -6.73 -3.91 -3.14
CA TYR A 72 -6.95 -5.21 -3.76
C TYR A 72 -5.66 -6.02 -3.78
N PHE A 73 -4.55 -5.41 -4.20
CA PHE A 73 -3.28 -6.13 -4.19
C PHE A 73 -2.88 -6.54 -2.78
N GLY A 74 -3.02 -5.63 -1.81
CA GLY A 74 -2.69 -6.00 -0.43
C GLY A 74 -3.47 -7.22 0.04
N ARG A 75 -4.77 -7.25 -0.24
CA ARG A 75 -5.57 -8.39 0.19
C ARG A 75 -5.13 -9.69 -0.49
N GLU A 76 -4.90 -9.64 -1.81
CA GLU A 76 -4.48 -10.84 -2.53
C GLU A 76 -3.12 -11.31 -2.06
N LEU A 77 -2.22 -10.35 -1.80
CA LEU A 77 -0.88 -10.69 -1.34
C LEU A 77 -0.95 -11.42 0.00
N CYS A 78 -1.70 -10.87 0.96
CA CYS A 78 -1.75 -11.47 2.28
C CYS A 78 -2.45 -12.82 2.23
N ARG A 79 -3.49 -12.94 1.39
CA ARG A 79 -4.16 -14.22 1.24
C ARG A 79 -3.21 -15.27 0.72
N ALA A 80 -2.40 -14.93 -0.28
CA ALA A 80 -1.49 -15.88 -0.90
C ALA A 80 -0.40 -16.33 0.05
N LEU A 81 0.02 -15.46 0.96
CA LEU A 81 1.06 -15.78 1.92
C LEU A 81 0.51 -16.28 3.25
N ASP A 82 -0.82 -16.31 3.41
CA ASP A 82 -1.48 -16.69 4.66
C ASP A 82 -0.97 -15.87 5.84
N ILE A 83 -0.86 -14.56 5.63
CA ILE A 83 -0.50 -13.65 6.70
C ILE A 83 -1.68 -12.73 6.96
N GLU A 84 -1.69 -12.13 8.14
CA GLU A 84 -2.79 -11.28 8.53
C GLU A 84 -2.86 -10.08 7.61
N TYR A 85 -4.05 -9.78 7.10
CA TYR A 85 -4.24 -8.59 6.27
C TYR A 85 -4.53 -7.38 7.15
N ARG A 86 -3.76 -6.32 6.96
CA ARG A 86 -4.01 -5.03 7.58
C ARG A 86 -3.77 -3.96 6.53
N ASN A 87 -4.33 -2.78 6.78
CA ASN A 87 -4.13 -1.70 5.80
C ASN A 87 -4.07 -0.39 6.59
N ASN A 88 -2.84 -0.06 7.03
CA ASN A 88 -2.44 1.16 7.73
C ASN A 88 -2.51 0.93 9.24
N VAL A 89 -1.37 0.63 9.84
CA VAL A 89 -1.29 0.46 11.27
C VAL A 89 -0.39 1.53 11.83
N LEU A 90 -0.87 2.24 12.86
CA LEU A 90 -0.06 3.24 13.53
C LEU A 90 1.17 2.58 14.14
N LEU A 91 2.33 3.21 13.98
CA LEU A 91 3.57 2.61 14.47
C LEU A 91 3.49 2.34 15.97
N ASP A 92 2.84 3.23 16.72
CA ASP A 92 2.70 3.01 18.16
C ASP A 92 1.97 1.71 18.44
N GLU A 93 0.96 1.39 17.63
CA GLU A 93 0.20 0.16 17.82
C GLU A 93 1.04 -1.06 17.49
N ILE A 94 1.86 -0.97 16.42
CA ILE A 94 2.78 -2.05 16.08
C ILE A 94 3.72 -2.33 17.25
N ILE A 95 4.32 -1.27 17.79
CA ILE A 95 5.27 -1.42 18.89
C ILE A 95 4.60 -2.09 20.09
N LEU A 96 3.37 -1.67 20.41
CA LEU A 96 2.66 -2.25 21.54
C LEU A 96 2.29 -3.70 21.30
N ASP A 97 2.06 -4.09 20.06
CA ASP A 97 1.79 -5.49 19.76
C ASP A 97 3.03 -6.36 19.97
N VAL A 98 4.19 -5.88 19.51
CA VAL A 98 5.40 -6.71 19.64
C VAL A 98 6.03 -6.59 21.02
N TYR A 99 5.83 -5.48 21.72
CA TYR A 99 6.51 -5.23 23.00
C TYR A 99 5.50 -4.61 23.95
N PRO A 100 4.61 -5.44 24.53
CA PRO A 100 3.51 -4.89 25.33
C PRO A 100 3.97 -4.08 26.53
N GLY A 101 5.17 -4.35 27.05
CA GLY A 101 5.66 -3.61 28.20
C GLY A 101 6.25 -2.25 27.90
N VAL A 102 6.22 -1.80 26.66
CA VAL A 102 6.86 -0.54 26.30
C VAL A 102 6.15 0.64 26.97
N ASN A 103 6.94 1.65 27.34
CA ASN A 103 6.39 2.95 27.70
C ASN A 103 6.64 3.88 26.52
N LEU A 104 5.61 4.03 25.66
CA LEU A 104 5.72 4.88 24.48
C LEU A 104 6.28 6.24 24.81
N MET A 105 5.99 6.76 26.00
CA MET A 105 6.36 8.12 26.34
C MET A 105 7.87 8.28 26.52
N GLU A 106 8.59 7.18 26.68
CA GLU A 106 10.04 7.26 26.79
C GLU A 106 10.71 7.45 25.44
N TYR A 107 9.98 7.29 24.33
CA TYR A 107 10.56 7.28 23.01
C TYR A 107 9.85 8.31 22.12
N ASN A 108 10.57 8.75 21.10
CA ASN A 108 10.01 9.68 20.10
C ASN A 108 9.55 8.84 18.93
N VAL A 109 8.28 8.43 18.97
CA VAL A 109 7.72 7.52 17.97
C VAL A 109 7.07 8.35 16.88
N PRO A 110 7.55 8.31 15.63
CA PRO A 110 6.85 8.99 14.54
C PRO A 110 5.53 8.27 14.26
N HIS A 111 4.45 9.04 14.14
CA HIS A 111 3.14 8.42 14.01
C HIS A 111 2.84 8.08 12.55
N VAL A 112 3.74 7.31 11.93
CA VAL A 112 3.51 6.82 10.57
C VAL A 112 2.57 5.61 10.62
N THR A 113 1.97 5.30 9.46
CA THR A 113 1.04 4.17 9.35
C THR A 113 1.43 3.31 8.16
N PRO A 114 2.46 2.49 8.28
CA PRO A 114 2.72 1.49 7.23
C PRO A 114 1.51 0.59 7.04
N ASP A 115 1.44 -0.02 5.85
CA ASP A 115 0.26 -0.82 5.52
C ASP A 115 0.06 -1.97 6.49
N ASN A 116 1.14 -2.65 6.84
CA ASN A 116 1.01 -3.93 7.53
C ASN A 116 2.34 -4.26 8.18
N TYR A 117 2.38 -5.40 8.85
CA TYR A 117 3.63 -5.84 9.45
C TYR A 117 3.51 -7.34 9.71
N ILE A 118 4.67 -7.97 9.88
CA ILE A 118 4.74 -9.36 10.34
C ILE A 118 5.64 -9.38 11.57
N TRP A 119 5.13 -9.93 12.66
CA TRP A 119 5.89 -10.13 13.88
C TRP A 119 6.13 -11.62 14.04
N THR A 120 7.36 -12.06 13.75
CA THR A 120 7.71 -13.48 13.77
C THR A 120 7.97 -14.00 15.17
N GLY A 121 8.14 -13.12 16.16
CA GLY A 121 8.64 -13.49 17.45
C GLY A 121 10.08 -13.07 17.70
N ASP A 122 10.89 -12.97 16.63
CA ASP A 122 12.24 -12.47 16.76
C ASP A 122 12.53 -11.27 15.86
N MET A 123 11.74 -11.06 14.81
CA MET A 123 12.00 -9.97 13.87
C MET A 123 10.67 -9.34 13.47
N LEU A 124 10.72 -8.03 13.23
CA LEU A 124 9.55 -7.28 12.81
C LEU A 124 9.74 -6.83 11.37
N LEU A 125 8.89 -7.32 10.47
CA LEU A 125 8.90 -6.89 9.08
C LEU A 125 7.80 -5.86 8.91
N ILE A 126 8.20 -4.63 8.59
CA ILE A 126 7.25 -3.56 8.26
C ILE A 126 6.93 -3.65 6.79
N LEU A 127 5.64 -3.74 6.42
CA LEU A 127 5.26 -3.93 5.03
C LEU A 127 4.53 -2.71 4.48
N ASP A 128 4.84 -2.35 3.25
CA ASP A 128 3.97 -1.45 2.51
C ASP A 128 3.74 -2.00 1.12
N TYR A 129 2.48 -2.04 0.69
CA TYR A 129 2.10 -2.43 -0.65
C TYR A 129 2.23 -1.24 -1.58
N LYS A 130 2.64 -1.50 -2.82
CA LYS A 130 2.59 -0.54 -3.92
C LYS A 130 1.98 -1.23 -5.13
N VAL A 131 1.21 -0.49 -5.92
CA VAL A 131 0.85 -0.94 -7.28
C VAL A 131 1.27 0.16 -8.23
N SER A 132 2.27 -0.11 -9.06
CA SER A 132 2.84 0.93 -9.91
C SER A 132 3.68 0.27 -11.00
N VAL A 133 3.67 0.90 -12.19
CA VAL A 133 4.59 0.49 -13.24
C VAL A 133 6.01 0.98 -13.02
N GLY A 134 6.22 1.94 -12.12
CA GLY A 134 7.52 2.51 -11.89
C GLY A 134 7.99 2.27 -10.46
N HIS A 135 9.21 2.75 -10.19
CA HIS A 135 9.87 2.55 -8.91
C HIS A 135 9.82 3.75 -7.99
N ASP A 136 9.34 4.90 -8.46
CA ASP A 136 9.49 6.13 -7.68
C ASP A 136 8.72 6.07 -6.37
N SER A 137 7.50 5.54 -6.38
CA SER A 137 6.76 5.52 -5.12
C SER A 137 7.42 4.59 -4.12
N THR A 138 8.06 3.53 -4.60
CA THR A 138 8.79 2.62 -3.73
C THR A 138 9.98 3.32 -3.07
N GLU A 139 10.74 4.10 -3.85
CA GLU A 139 11.90 4.80 -3.27
C GLU A 139 11.47 5.81 -2.23
N VAL A 140 10.37 6.53 -2.48
CA VAL A 140 9.89 7.54 -1.55
C VAL A 140 9.52 6.91 -0.22
N THR A 141 8.74 5.83 -0.26
CA THR A 141 8.31 5.18 0.97
C THR A 141 9.47 4.45 1.64
N TYR A 142 10.35 3.83 0.86
CA TYR A 142 11.51 3.17 1.48
C TYR A 142 12.36 4.17 2.27
N LYS A 143 12.63 5.35 1.69
CA LYS A 143 13.42 6.36 2.39
C LYS A 143 12.71 6.86 3.63
N LYS A 144 11.39 7.12 3.53
CA LYS A 144 10.64 7.65 4.66
C LYS A 144 10.63 6.65 5.82
N TYR A 145 10.31 5.39 5.54
CA TYR A 145 10.24 4.42 6.62
C TYR A 145 11.60 4.02 7.14
N THR A 146 12.61 3.96 6.27
CA THR A 146 13.96 3.68 6.76
C THR A 146 14.40 4.74 7.76
N THR A 147 14.22 6.02 7.41
CA THR A 147 14.73 7.07 8.27
C THR A 147 13.84 7.39 9.46
N LEU A 148 12.55 7.11 9.37
CA LEU A 148 11.66 7.39 10.49
C LEU A 148 11.44 6.19 11.41
N ILE A 149 11.43 4.97 10.88
CA ILE A 149 11.09 3.82 11.72
C ILE A 149 12.34 3.18 12.33
N LEU A 150 13.40 2.95 11.55
CA LEU A 150 14.52 2.17 12.08
C LEU A 150 15.17 2.81 13.30
N PRO A 151 15.37 4.13 13.38
CA PRO A 151 16.02 4.66 14.59
C PRO A 151 15.27 4.36 15.87
N VAL A 152 13.96 4.56 15.92
CA VAL A 152 13.26 4.31 17.18
C VAL A 152 13.19 2.81 17.48
N MET A 153 13.09 1.95 16.44
CA MET A 153 13.07 0.52 16.71
C MET A 153 14.41 0.04 17.28
N GLN A 154 15.52 0.65 16.83
CA GLN A 154 16.81 0.33 17.41
C GLN A 154 16.89 0.76 18.87
N GLU A 155 16.37 1.96 19.20
CA GLU A 155 16.34 2.41 20.59
C GLU A 155 15.49 1.48 21.45
N ILE A 156 14.36 1.02 20.93
CA ILE A 156 13.49 0.17 21.72
C ILE A 156 14.10 -1.23 21.84
N GLY A 157 14.82 -1.66 20.82
CA GLY A 157 15.43 -2.97 20.81
C GLY A 157 14.72 -4.02 19.99
N ILE A 158 13.98 -3.62 18.96
CA ILE A 158 13.21 -4.54 18.13
C ILE A 158 13.91 -4.63 16.78
N ASN A 159 14.33 -5.84 16.43
CA ASN A 159 14.99 -6.06 15.14
C ASN A 159 13.97 -5.90 14.01
N THR A 160 14.23 -4.97 13.09
CA THR A 160 13.22 -4.51 12.14
C THR A 160 13.78 -4.40 10.73
N GLU A 161 12.98 -4.80 9.73
CA GLU A 161 13.30 -4.63 8.33
C GLU A 161 12.16 -3.89 7.63
N ILE A 162 12.51 -2.99 6.72
CA ILE A 162 11.51 -2.27 5.92
C ILE A 162 11.31 -3.06 4.63
N CYS A 163 10.06 -3.46 4.36
CA CYS A 163 9.74 -4.28 3.20
C CYS A 163 8.72 -3.54 2.35
N ILE A 164 9.03 -3.35 1.07
CA ILE A 164 8.09 -2.77 0.11
C ILE A 164 7.83 -3.82 -0.94
N ILE A 165 6.56 -4.17 -1.14
CA ILE A 165 6.15 -5.16 -2.13
C ILE A 165 5.34 -4.44 -3.18
N ARG A 166 5.81 -4.45 -4.42
CA ARG A 166 5.16 -3.70 -5.50
C ARG A 166 4.65 -4.66 -6.55
N ALA A 167 3.41 -4.47 -6.97
CA ALA A 167 2.88 -5.15 -8.15
C ALA A 167 2.86 -4.18 -9.31
N ASN A 168 3.35 -4.64 -10.45
CA ASN A 168 3.15 -3.88 -11.68
C ASN A 168 1.75 -4.20 -12.20
N PRO A 169 0.86 -3.21 -12.30
CA PRO A 169 -0.54 -3.55 -12.64
C PRO A 169 -0.72 -3.96 -14.09
N VAL A 170 0.22 -3.65 -14.96
CA VAL A 170 0.10 -4.03 -16.37
C VAL A 170 0.60 -5.45 -16.59
N THR A 171 1.74 -5.79 -15.99
CA THR A 171 2.41 -7.05 -16.22
C THR A 171 2.15 -8.07 -15.13
N ASN A 172 1.61 -7.66 -14.00
CA ASN A 172 1.38 -8.49 -12.82
C ASN A 172 2.66 -8.94 -12.13
N GLN A 173 3.82 -8.47 -12.56
CA GLN A 173 5.07 -8.90 -11.92
C GLN A 173 5.22 -8.23 -10.55
N ILE A 174 5.73 -9.01 -9.59
CA ILE A 174 5.94 -8.56 -8.22
C ILE A 174 7.42 -8.29 -8.01
N SER A 175 7.72 -7.14 -7.39
CA SER A 175 9.07 -6.75 -7.01
C SER A 175 9.10 -6.55 -5.50
N ILE A 176 10.13 -7.07 -4.82
CA ILE A 176 10.24 -7.00 -3.36
C ILE A 176 11.53 -6.32 -2.97
N VAL A 177 11.43 -5.36 -2.05
CA VAL A 177 12.56 -4.81 -1.32
C VAL A 177 12.44 -5.34 0.10
N GLY A 178 13.49 -5.99 0.60
CA GLY A 178 13.41 -6.60 1.91
C GLY A 178 13.95 -8.02 1.92
N GLU A 179 15.23 -8.17 2.29
CA GLU A 179 15.89 -9.48 2.16
C GLU A 179 15.24 -10.54 3.04
N GLN A 180 14.88 -10.19 4.28
CA GLN A 180 14.27 -11.19 5.15
C GLN A 180 12.86 -11.56 4.68
N PHE A 181 12.15 -10.63 4.05
CA PHE A 181 10.86 -10.98 3.47
C PHE A 181 11.04 -12.01 2.35
N LYS A 182 12.04 -11.81 1.50
CA LYS A 182 12.29 -12.74 0.41
C LYS A 182 12.62 -14.13 0.94
N ARG A 183 13.36 -14.20 2.04
CA ARG A 183 13.74 -15.51 2.58
C ARG A 183 12.54 -16.23 3.16
N LEU A 184 11.62 -15.50 3.79
CA LEU A 184 10.41 -16.11 4.33
C LEU A 184 9.44 -16.52 3.24
N PHE A 185 9.40 -15.78 2.14
CA PHE A 185 8.39 -15.96 1.09
C PHE A 185 9.09 -16.01 -0.25
N PRO A 186 9.75 -17.14 -0.58
CA PRO A 186 10.51 -17.19 -1.83
C PRO A 186 9.62 -17.24 -3.07
N THR A 187 8.38 -17.71 -2.94
CA THR A 187 7.41 -17.61 -4.03
C THR A 187 6.15 -16.92 -3.51
N ILE A 188 5.52 -16.16 -4.40
CA ILE A 188 4.29 -15.44 -4.06
C ILE A 188 3.22 -15.87 -5.04
N PRO A 189 2.48 -16.91 -4.74
CA PRO A 189 1.53 -17.47 -5.71
C PRO A 189 0.20 -16.72 -5.72
N VAL A 190 0.26 -15.44 -6.12
CA VAL A 190 -0.93 -14.62 -6.29
C VAL A 190 -1.48 -14.83 -7.69
N GLU A 191 -2.77 -14.54 -7.85
CA GLU A 191 -3.45 -14.52 -9.14
C GLU A 191 -4.05 -13.14 -9.31
N LEU A 192 -3.32 -12.22 -9.92
CA LEU A 192 -3.72 -10.82 -9.98
C LEU A 192 -4.45 -10.52 -11.29
N ASN A 193 -5.44 -9.64 -11.20
CA ASN A 193 -6.19 -9.20 -12.36
C ASN A 193 -6.58 -7.75 -12.11
N PHE A 194 -5.84 -6.81 -12.70
CA PHE A 194 -6.11 -5.39 -12.53
C PHE A 194 -6.95 -4.82 -13.66
N ALA A 195 -7.41 -5.65 -14.59
CA ALA A 195 -8.06 -5.13 -15.80
C ALA A 195 -9.24 -4.23 -15.48
N ARG A 196 -10.05 -4.58 -14.48
CA ARG A 196 -11.25 -3.78 -14.19
C ARG A 196 -10.92 -2.40 -13.64
N PHE A 197 -9.84 -2.27 -12.84
CA PHE A 197 -9.44 -0.93 -12.40
C PHE A 197 -9.00 -0.09 -13.59
N PHE A 198 -8.32 -0.70 -14.56
CA PHE A 198 -7.94 0.03 -15.77
C PHE A 198 -9.17 0.45 -16.56
N GLU A 199 -10.12 -0.47 -16.72
CA GLU A 199 -11.35 -0.16 -17.47
C GLU A 199 -12.09 1.02 -16.86
N LEU A 200 -12.21 1.05 -15.53
CA LEU A 200 -12.93 2.13 -14.86
C LEU A 200 -12.21 3.45 -15.03
N ARG A 201 -10.90 3.46 -14.76
CA ARG A 201 -10.18 4.72 -14.85
C ARG A 201 -10.12 5.24 -16.28
N LYS A 202 -10.06 4.34 -17.28
CA LYS A 202 -10.04 4.79 -18.66
C LYS A 202 -11.36 5.46 -19.03
N MET A 203 -12.47 4.93 -18.54
CA MET A 203 -13.75 5.57 -18.81
C MET A 203 -13.77 6.97 -18.21
N LEU A 204 -13.24 7.11 -16.99
CA LEU A 204 -13.17 8.42 -16.35
C LEU A 204 -12.30 9.38 -17.16
N LEU A 205 -11.11 8.94 -17.57
CA LEU A 205 -10.23 9.79 -18.36
C LEU A 205 -10.86 10.18 -19.70
N ASP A 206 -11.53 9.24 -20.35
CA ASP A 206 -12.20 9.55 -21.61
C ASP A 206 -13.32 10.57 -21.42
N LYS A 207 -14.08 10.46 -20.33
CA LYS A 207 -15.17 11.40 -20.11
C LYS A 207 -14.65 12.82 -19.96
N PHE A 208 -13.43 12.97 -19.46
CA PHE A 208 -12.83 14.28 -19.23
C PHE A 208 -11.64 14.53 -20.14
N ALA A 209 -11.56 13.85 -21.28
CA ALA A 209 -10.41 14.02 -22.15
C ALA A 209 -10.26 15.44 -22.66
N ASP A 210 -11.35 16.22 -22.69
CA ASP A 210 -11.31 17.58 -23.19
C ASP A 210 -11.43 18.63 -22.09
N ASP A 211 -11.17 18.25 -20.83
CA ASP A 211 -11.33 19.13 -19.67
C ASP A 211 -9.94 19.51 -19.12
N GLU A 212 -9.46 20.69 -19.52
CA GLU A 212 -8.13 21.14 -19.09
C GLU A 212 -8.00 21.11 -17.56
N GLU A 213 -9.05 21.53 -16.84
CA GLU A 213 -8.98 21.54 -15.38
C GLU A 213 -8.68 20.15 -14.83
N PHE A 214 -9.32 19.12 -15.39
CA PHE A 214 -9.07 17.75 -14.95
C PHE A 214 -7.70 17.27 -15.38
N LEU A 215 -7.33 17.47 -16.66
CA LEU A 215 -6.06 16.94 -17.14
C LEU A 215 -4.89 17.47 -16.32
N MET A 216 -5.04 18.67 -15.72
CA MET A 216 -4.01 19.20 -14.85
C MET A 216 -4.02 18.51 -13.48
N MET A 217 -5.21 18.32 -12.90
CA MET A 217 -5.31 17.67 -11.59
C MET A 217 -4.72 16.27 -11.61
N ILE A 218 -4.72 15.61 -12.78
CA ILE A 218 -4.27 14.23 -12.90
C ILE A 218 -2.82 14.15 -13.35
#